data_3FBZ
#
_entry.id   3FBZ
#
_cell.length_a   58.158
_cell.length_b   81.150
_cell.length_c   119.898
_cell.angle_alpha   90.00
_cell.angle_beta   90.00
_cell.angle_gamma   90.00
#
_symmetry.space_group_name_H-M   'P 21 21 21'
#
loop_
_entity.id
_entity.type
_entity.pdbx_description
1 polymer 'Putative uncharacterized protein'
2 non-polymer 'octyl beta-D-glucopyranoside'
3 non-polymer 'CHLORIDE ION'
4 water water
#
_entity_poly.entity_id   1
_entity_poly.type   'polypeptide(L)'
_entity_poly.pdbx_seq_one_letter_code
;GAKLNRKLRQDSTDRYKTKLYLWRNLGGLIPED(MSE)AISVTESITADWKQYND(MSE)(MSE)SKVRNETLDILKTNK
VATEDYIGYIAFAEELAHQVWKNKNSSPDPNTANEASKTDLESKYSDVYGLDVTVLDAIYNAVIPII(MSE)GGGS
;
_entity_poly.pdbx_strand_id   A,B,C,D
#
# COMPACT_ATOMS: atom_id res chain seq x y z
N ARG A 15 -0.76 -41.74 14.29
CA ARG A 15 -1.44 -41.87 12.97
C ARG A 15 -2.39 -40.70 12.66
N TYR A 16 -3.42 -40.53 13.49
CA TYR A 16 -4.33 -39.37 13.44
C TYR A 16 -3.55 -38.04 13.52
N LYS A 17 -2.30 -38.14 14.00
CA LYS A 17 -1.39 -37.01 14.23
C LYS A 17 -0.80 -36.47 12.94
N THR A 18 -0.70 -37.33 11.93
CA THR A 18 -0.07 -36.99 10.65
C THR A 18 -0.75 -35.79 9.98
N LYS A 19 -2.00 -35.87 9.81
CA LYS A 19 -2.69 -34.72 9.21
C LYS A 19 -2.83 -33.50 10.14
N LEU A 20 -2.76 -33.64 11.38
CA LEU A 20 -2.94 -32.49 12.27
C LEU A 20 -1.90 -31.40 12.11
N TYR A 21 -0.76 -31.75 11.53
CA TYR A 21 0.32 -30.79 11.32
C TYR A 21 -0.10 -29.71 10.32
N LEU A 22 -0.96 -30.09 9.36
CA LEU A 22 -1.42 -29.21 8.29
C LEU A 22 -2.26 -28.01 8.75
N TRP A 23 -2.81 -28.09 9.97
CA TRP A 23 -3.53 -26.98 10.62
C TRP A 23 -2.63 -25.79 10.93
N ARG A 24 -1.36 -26.05 11.22
CA ARG A 24 -0.43 -25.03 11.73
C ARG A 24 -0.16 -23.86 10.79
N ASN A 25 0.14 -24.15 9.53
CA ASN A 25 0.56 -23.12 8.59
C ASN A 25 -0.50 -22.90 7.47
N LEU A 26 -1.73 -23.32 7.71
CA LEU A 26 -2.76 -23.27 6.70
C LEU A 26 -3.12 -21.82 6.40
N GLY A 27 -3.14 -21.46 5.12
CA GLY A 27 -3.55 -20.14 4.68
C GLY A 27 -5.05 -19.92 4.75
N GLY A 28 -5.47 -18.66 4.83
CA GLY A 28 -6.88 -18.34 4.70
C GLY A 28 -7.22 -16.89 4.44
N LEU A 29 -8.52 -16.61 4.56
CA LEU A 29 -9.11 -15.31 4.29
C LEU A 29 -8.59 -14.25 5.24
N ILE A 30 -8.50 -13.02 4.74
CA ILE A 30 -8.16 -11.85 5.54
C ILE A 30 -9.46 -11.10 5.85
N PRO A 31 -9.74 -10.84 7.14
CA PRO A 31 -10.89 -10.04 7.56
C PRO A 31 -10.90 -8.69 6.85
N GLU A 32 -12.05 -8.33 6.27
CA GLU A 32 -12.20 -7.08 5.59
C GLU A 32 -11.86 -5.89 6.48
N ASP A 33 -12.39 -5.85 7.70
CA ASP A 33 -12.10 -4.70 8.58
C ASP A 33 -10.60 -4.46 8.87
N ALA A 35 -8.14 -5.42 6.78
CA ALA A 35 -7.58 -4.98 5.52
C ALA A 35 -7.87 -3.48 5.24
N ILE A 36 -9.10 -3.05 5.55
CA ILE A 36 -9.53 -1.65 5.42
C ILE A 36 -8.75 -0.74 6.36
N SER A 37 -8.44 -1.26 7.54
CA SER A 37 -7.58 -0.55 8.45
C SER A 37 -6.22 -0.24 7.82
N VAL A 38 -5.66 -1.18 7.06
CA VAL A 38 -4.36 -0.99 6.42
C VAL A 38 -4.44 0.11 5.36
N THR A 39 -5.45 0.06 4.50
CA THR A 39 -5.62 1.07 3.45
C THR A 39 -6.00 2.45 3.97
N GLU A 40 -6.81 2.51 5.02
CA GLU A 40 -7.12 3.79 5.67
C GLU A 40 -5.91 4.50 6.26
N SER A 41 -4.93 3.75 6.75
CA SER A 41 -3.71 4.38 7.29
C SER A 41 -2.82 4.97 6.19
N ILE A 42 -2.78 4.30 5.04
CA ILE A 42 -2.13 4.80 3.83
C ILE A 42 -2.81 6.10 3.35
N THR A 43 -4.14 6.08 3.21
CA THR A 43 -4.92 7.29 2.92
C THR A 43 -4.55 8.42 3.88
N ALA A 44 -4.55 8.14 5.18
CA ALA A 44 -4.19 9.14 6.19
C ALA A 44 -2.78 9.66 5.96
N ASP A 45 -1.88 8.79 5.50
CA ASP A 45 -0.47 9.12 5.25
C ASP A 45 -0.27 10.16 4.15
N TRP A 46 -0.92 9.98 2.99
CA TRP A 46 -0.75 10.94 1.90
C TRP A 46 -1.51 12.26 2.12
N LYS A 47 -2.59 12.20 2.87
CA LYS A 47 -3.36 13.41 3.20
C LYS A 47 -2.59 14.28 4.18
N GLN A 48 -1.99 13.65 5.19
CA GLN A 48 -1.18 14.36 6.17
C GLN A 48 0.07 14.93 5.48
N TYR A 49 0.61 14.17 4.52
CA TYR A 49 1.73 14.61 3.70
C TYR A 49 1.36 15.84 2.88
N ASN A 50 0.26 15.76 2.15
CA ASN A 50 -0.22 16.87 1.34
C ASN A 50 -0.57 18.13 2.14
N ASP A 51 -1.15 17.96 3.31
CA ASP A 51 -1.50 19.09 4.17
CA ASP A 51 -1.50 19.07 4.21
C ASP A 51 -0.25 19.82 4.68
N SER A 54 1.39 21.64 1.50
CA SER A 54 0.65 22.85 1.23
C SER A 54 0.91 23.95 2.27
N LYS A 55 1.01 23.61 3.55
CA LYS A 55 1.35 24.60 4.58
C LYS A 55 2.74 25.22 4.35
N VAL A 56 3.75 24.36 4.21
CA VAL A 56 5.12 24.77 3.93
C VAL A 56 5.23 25.64 2.66
N ARG A 57 4.55 25.20 1.59
CA ARG A 57 4.51 25.95 0.34
C ARG A 57 3.82 27.32 0.51
N ASN A 58 2.63 27.34 1.09
CA ASN A 58 1.85 28.56 1.22
C ASN A 58 2.49 29.62 2.15
N GLU A 59 3.09 29.16 3.25
CA GLU A 59 3.75 30.04 4.20
C GLU A 59 5.06 30.62 3.66
N THR A 60 5.76 29.82 2.87
CA THR A 60 6.98 30.28 2.20
C THR A 60 6.63 31.34 1.18
N LEU A 61 5.61 31.07 0.36
CA LEU A 61 5.09 32.06 -0.59
C LEU A 61 4.74 33.39 0.05
N ASP A 62 4.15 33.36 1.24
CA ASP A 62 3.77 34.59 1.99
C ASP A 62 5.01 35.35 2.43
N ILE A 63 5.98 34.64 2.99
CA ILE A 63 7.26 35.23 3.33
C ILE A 63 7.92 35.91 2.11
N LEU A 64 7.90 35.24 0.96
CA LEU A 64 8.53 35.77 -0.25
C LEU A 64 7.86 37.03 -0.78
N LYS A 65 6.53 37.01 -0.80
CA LYS A 65 5.71 38.16 -1.13
C LYS A 65 6.03 39.36 -0.23
N THR A 66 6.00 39.14 1.09
CA THR A 66 6.34 40.14 2.11
C THR A 66 7.72 40.77 1.87
N ASN A 67 8.70 39.95 1.52
CA ASN A 67 10.06 40.42 1.35
C ASN A 67 10.39 40.89 -0.07
N LYS A 68 9.37 40.95 -0.92
CA LYS A 68 9.49 41.49 -2.29
C LYS A 68 10.67 40.79 -3.01
N VAL A 69 10.73 39.49 -2.82
CA VAL A 69 11.69 38.62 -3.48
C VAL A 69 11.42 38.54 -4.99
N ALA A 70 12.50 38.61 -5.77
CA ALA A 70 12.42 38.49 -7.23
C ALA A 70 11.92 37.12 -7.62
N THR A 71 11.10 37.07 -8.66
CA THR A 71 10.45 35.83 -9.10
C THR A 71 11.44 34.77 -9.59
N GLU A 72 12.60 35.21 -10.06
CA GLU A 72 13.67 34.31 -10.48
C GLU A 72 14.27 33.54 -9.29
N ASP A 73 14.11 34.07 -8.08
CA ASP A 73 14.69 33.47 -6.89
C ASP A 73 13.71 32.55 -6.14
N TYR A 74 12.46 32.47 -6.63
CA TYR A 74 11.43 31.65 -5.98
C TYR A 74 11.83 30.19 -5.89
N ILE A 75 12.40 29.62 -6.97
CA ILE A 75 12.80 28.20 -6.97
C ILE A 75 13.82 27.90 -5.87
N GLY A 76 14.74 28.84 -5.65
CA GLY A 76 15.78 28.75 -4.64
C GLY A 76 15.19 28.66 -3.25
N TYR A 77 14.31 29.60 -2.91
CA TYR A 77 13.67 29.64 -1.59
C TYR A 77 12.70 28.49 -1.33
N ILE A 78 11.99 28.07 -2.37
CA ILE A 78 11.05 26.97 -2.27
C ILE A 78 11.82 25.67 -2.02
N ALA A 79 12.87 25.49 -2.81
CA ALA A 79 13.75 24.34 -2.68
C ALA A 79 14.40 24.30 -1.28
N PHE A 80 14.80 25.46 -0.75
CA PHE A 80 15.29 25.57 0.63
C PHE A 80 14.28 25.11 1.68
N ALA A 81 13.06 25.64 1.60
CA ALA A 81 11.99 25.31 2.53
C ALA A 81 11.71 23.80 2.54
N GLU A 82 11.69 23.20 1.36
CA GLU A 82 11.46 21.75 1.19
C GLU A 82 12.59 20.90 1.75
N GLU A 83 13.84 21.22 1.41
CA GLU A 83 14.97 20.49 1.96
C GLU A 83 15.05 20.67 3.50
N LEU A 84 14.70 21.83 4.02
CA LEU A 84 14.62 22.03 5.47
C LEU A 84 13.51 21.19 6.13
N ALA A 85 12.30 21.24 5.55
CA ALA A 85 11.17 20.41 6.01
C ALA A 85 11.47 18.91 6.01
N HIS A 86 12.18 18.43 4.99
CA HIS A 86 12.60 17.03 4.94
C HIS A 86 13.58 16.67 6.05
N GLN A 87 14.60 17.50 6.26
CA GLN A 87 15.58 17.25 7.33
C GLN A 87 14.93 17.31 8.73
N VAL A 88 13.96 18.21 8.89
CA VAL A 88 13.22 18.34 10.15
C VAL A 88 12.33 17.12 10.42
N TRP A 89 11.69 16.59 9.37
CA TRP A 89 10.97 15.31 9.48
C TRP A 89 11.88 14.16 9.93
N LYS A 90 13.07 14.08 9.33
CA LYS A 90 14.07 13.09 9.75
C LYS A 90 14.51 13.27 11.21
N ASN A 91 14.68 14.53 11.63
CA ASN A 91 15.08 14.81 13.01
C ASN A 91 13.99 14.37 14.00
N LYS A 92 12.75 14.76 13.73
CA LYS A 92 11.58 14.35 14.53
C LYS A 92 11.53 12.84 14.75
N ASN A 93 11.81 12.07 13.71
CA ASN A 93 11.75 10.61 13.77
C ASN A 93 13.00 9.94 14.36
N SER A 94 14.14 10.13 13.68
CA SER A 94 15.38 9.42 14.01
C SER A 94 16.12 9.95 15.24
N SER A 95 16.06 11.27 15.45
CA SER A 95 16.86 11.90 16.50
C SER A 95 16.27 11.74 17.91
N PRO A 96 17.14 11.38 18.89
CA PRO A 96 16.80 11.40 20.31
C PRO A 96 16.64 12.84 20.85
N ASP A 97 17.21 13.80 20.14
CA ASP A 97 17.02 15.22 20.43
C ASP A 97 16.82 16.00 19.12
N PRO A 98 15.58 15.96 18.56
CA PRO A 98 15.24 16.66 17.31
C PRO A 98 15.55 18.17 17.30
N ASN A 99 15.40 18.81 18.45
CA ASN A 99 15.62 20.25 18.63
C ASN A 99 17.05 20.72 18.32
N THR A 100 18.04 19.91 18.70
CA THR A 100 19.45 20.22 18.46
C THR A 100 19.81 20.05 16.98
N ALA A 101 19.25 19.01 16.38
CA ALA A 101 19.54 18.65 14.99
C ALA A 101 18.90 19.63 14.00
N ASN A 102 17.79 20.23 14.42
CA ASN A 102 17.07 21.25 13.65
C ASN A 102 17.86 22.54 13.47
N GLU A 103 18.53 22.97 14.53
CA GLU A 103 19.36 24.17 14.49
C GLU A 103 20.63 23.92 13.67
N ALA A 104 21.12 22.68 13.72
CA ALA A 104 22.27 22.26 12.93
C ALA A 104 21.92 22.14 11.44
N SER A 105 20.71 21.66 11.16
CA SER A 105 20.15 21.61 9.80
C SER A 105 19.99 23.01 9.21
N LYS A 106 19.45 23.90 10.03
CA LYS A 106 19.36 25.32 9.72
C LYS A 106 20.72 25.88 9.26
N THR A 107 21.74 25.75 10.12
CA THR A 107 23.10 26.20 9.83
C THR A 107 23.63 25.61 8.52
N ASP A 108 23.48 24.29 8.36
CA ASP A 108 23.92 23.56 7.17
CA ASP A 108 23.94 23.57 7.17
C ASP A 108 23.25 24.08 5.90
N LEU A 109 21.93 24.19 5.92
CA LEU A 109 21.17 24.58 4.74
C LEU A 109 21.25 26.07 4.38
N GLU A 110 21.31 26.91 5.42
CA GLU A 110 21.52 28.33 5.23
C GLU A 110 22.90 28.64 4.63
N SER A 111 23.94 27.89 5.04
CA SER A 111 25.26 27.98 4.42
C SER A 111 25.19 27.61 2.94
N LYS A 112 24.58 26.45 2.68
CA LYS A 112 24.46 25.93 1.33
C LYS A 112 23.73 26.92 0.41
N TYR A 113 22.58 27.41 0.86
CA TYR A 113 21.73 28.22 -0.01
C TYR A 113 22.20 29.68 -0.18
N SER A 114 22.88 30.22 0.81
CA SER A 114 23.52 31.53 0.61
C SER A 114 24.84 31.44 -0.16
N ASP A 115 25.71 30.47 0.17
CA ASP A 115 26.95 30.21 -0.58
C ASP A 115 26.73 29.84 -2.05
N VAL A 116 25.93 28.79 -2.28
CA VAL A 116 25.74 28.24 -3.61
C VAL A 116 24.72 29.03 -4.43
N TYR A 117 23.64 29.48 -3.79
CA TYR A 117 22.56 30.13 -4.52
C TYR A 117 22.37 31.63 -4.28
N GLY A 118 23.19 32.23 -3.41
CA GLY A 118 23.10 33.67 -3.14
C GLY A 118 21.78 34.10 -2.50
N LEU A 119 21.15 33.21 -1.76
CA LEU A 119 19.88 33.51 -1.10
C LEU A 119 20.13 34.35 0.16
N ASP A 120 19.14 35.18 0.53
CA ASP A 120 19.22 36.11 1.67
C ASP A 120 18.85 35.39 2.97
N VAL A 121 19.79 35.41 3.91
CA VAL A 121 19.72 34.64 5.14
C VAL A 121 18.60 35.09 6.06
N THR A 122 18.28 36.39 6.04
CA THR A 122 17.16 36.89 6.87
C THR A 122 15.82 36.36 6.34
N VAL A 123 15.70 36.25 5.02
CA VAL A 123 14.56 35.57 4.40
C VAL A 123 14.55 34.05 4.72
N LEU A 124 15.71 33.41 4.69
CA LEU A 124 15.81 32.00 5.10
C LEU A 124 15.42 31.76 6.57
N ASP A 125 15.81 32.67 7.47
CA ASP A 125 15.40 32.65 8.89
C ASP A 125 13.87 32.69 9.03
N ALA A 126 13.21 33.57 8.28
CA ALA A 126 11.75 33.64 8.28
C ALA A 126 11.12 32.30 7.91
N ILE A 127 11.57 31.74 6.78
CA ILE A 127 11.11 30.41 6.32
C ILE A 127 11.31 29.34 7.40
N TYR A 128 12.46 29.37 8.08
CA TYR A 128 12.78 28.40 9.11
C TYR A 128 11.75 28.39 10.22
N ASN A 129 11.39 29.59 10.70
CA ASN A 129 10.44 29.76 11.80
C ASN A 129 9.01 29.34 11.44
N ALA A 130 8.68 29.38 10.14
CA ALA A 130 7.42 28.87 9.64
C ALA A 130 7.44 27.34 9.50
N VAL A 131 8.51 26.81 8.92
CA VAL A 131 8.60 25.40 8.57
C VAL A 131 8.65 24.51 9.84
N ILE A 132 9.32 25.00 10.88
CA ILE A 132 9.52 24.19 12.10
C ILE A 132 8.22 23.77 12.79
N PRO A 133 7.33 24.74 13.15
CA PRO A 133 6.08 24.35 13.79
C PRO A 133 5.16 23.51 12.90
N ILE A 134 5.26 23.69 11.59
CA ILE A 134 4.50 22.87 10.63
C ILE A 134 4.90 21.39 10.72
N ILE A 135 6.21 21.12 10.79
CA ILE A 135 6.72 19.74 10.82
C ILE A 135 6.72 19.13 12.22
N GLY A 137 4.69 20.13 14.83
CA GLY A 137 3.32 20.02 15.32
C GLY A 137 2.39 19.25 14.39
N ARG B 15 1.44 42.54 -13.47
CA ARG B 15 1.29 41.21 -14.13
C ARG B 15 2.20 40.09 -13.56
N TYR B 16 3.25 40.47 -12.83
CA TYR B 16 4.20 39.50 -12.30
C TYR B 16 3.56 38.46 -11.35
N LYS B 17 2.49 38.85 -10.67
CA LYS B 17 1.86 37.96 -9.68
C LYS B 17 0.97 36.88 -10.31
N THR B 18 0.63 37.07 -11.59
CA THR B 18 -0.18 36.07 -12.31
C THR B 18 0.45 34.65 -12.25
N LYS B 19 1.59 34.39 -12.72
CA LYS B 19 2.28 33.08 -12.68
C LYS B 19 2.60 32.51 -11.29
N LEU B 20 2.77 33.42 -10.39
CA LEU B 20 3.07 32.99 -9.02
C LEU B 20 2.01 32.12 -8.31
N TYR B 21 0.74 32.25 -8.70
CA TYR B 21 -0.29 31.36 -8.19
C TYR B 21 0.05 29.88 -8.47
N LEU B 22 0.75 29.62 -9.57
CA LEU B 22 1.03 28.26 -9.98
C LEU B 22 1.99 27.51 -9.05
N TRP B 23 2.66 28.25 -8.16
CA TRP B 23 3.58 27.67 -7.16
C TRP B 23 2.81 26.93 -6.07
N ARG B 24 1.58 27.35 -5.83
CA ARG B 24 0.80 26.87 -4.70
C ARG B 24 0.52 25.39 -4.75
N ASN B 25 0.00 24.91 -5.88
CA ASN B 25 -0.51 23.54 -6.00
C ASN B 25 0.34 22.65 -6.91
N LEU B 26 1.57 23.06 -7.18
CA LEU B 26 2.46 22.33 -8.07
C LEU B 26 2.83 20.93 -7.51
N GLY B 27 2.69 19.91 -8.37
CA GLY B 27 3.06 18.54 -7.98
C GLY B 27 4.57 18.35 -7.92
N GLY B 28 5.04 17.28 -7.26
CA GLY B 28 6.47 17.01 -7.22
C GLY B 28 6.88 15.65 -6.73
N LEU B 29 8.18 15.43 -6.66
CA LEU B 29 8.78 14.16 -6.23
C LEU B 29 8.44 13.82 -4.79
N ILE B 30 8.19 12.55 -4.53
CA ILE B 30 8.04 12.06 -3.17
C ILE B 30 9.44 11.64 -2.66
N PRO B 31 9.84 12.09 -1.43
CA PRO B 31 11.15 11.63 -0.91
C PRO B 31 11.14 10.14 -0.62
N GLU B 32 12.20 9.46 -1.06
CA GLU B 32 12.29 8.01 -0.99
C GLU B 32 12.12 7.45 0.41
N ASP B 33 12.77 8.07 1.40
CA ASP B 33 12.66 7.61 2.78
C ASP B 33 11.23 7.65 3.35
N ALA B 35 8.52 7.44 1.47
CA ALA B 35 7.89 6.32 0.76
C ALA B 35 8.28 4.94 1.35
N ILE B 36 9.58 4.72 1.59
CA ILE B 36 10.02 3.45 2.18
C ILE B 36 9.23 3.17 3.46
N SER B 37 8.95 4.26 4.19
CA SER B 37 8.47 4.11 5.57
C SER B 37 6.99 3.72 5.60
N VAL B 38 6.28 4.10 4.54
CA VAL B 38 4.90 3.67 4.32
C VAL B 38 4.84 2.15 4.02
N THR B 39 5.68 1.69 3.11
CA THR B 39 5.71 0.27 2.75
C THR B 39 6.24 -0.63 3.88
N GLU B 40 7.22 -0.12 4.65
CA GLU B 40 7.76 -0.85 5.80
C GLU B 40 6.67 -1.04 6.88
N SER B 41 5.80 -0.04 6.97
CA SER B 41 4.66 -0.06 7.86
C SER B 41 3.65 -1.14 7.42
N ILE B 42 3.51 -1.35 6.12
CA ILE B 42 2.63 -2.39 5.57
C ILE B 42 3.25 -3.79 5.82
N THR B 43 4.57 -3.89 5.68
CA THR B 43 5.31 -5.12 5.97
C THR B 43 5.16 -5.57 7.43
N ALA B 44 5.33 -4.62 8.35
CA ALA B 44 5.09 -4.83 9.77
C ALA B 44 3.66 -5.27 10.06
N ASP B 45 2.70 -4.68 9.34
CA ASP B 45 1.30 -5.04 9.50
C ASP B 45 1.07 -6.52 9.20
N TRP B 46 1.52 -6.98 8.03
CA TRP B 46 1.34 -8.40 7.67
C TRP B 46 2.19 -9.37 8.50
N LYS B 47 3.39 -8.95 8.88
CA LYS B 47 4.22 -9.77 9.78
C LYS B 47 3.60 -9.92 11.16
N GLN B 48 3.11 -8.82 11.74
CA GLN B 48 2.45 -8.88 13.06
C GLN B 48 1.18 -9.73 12.99
N TYR B 49 0.37 -9.52 11.95
CA TYR B 49 -0.78 -10.37 11.65
C TYR B 49 -0.48 -11.89 11.63
N ASN B 50 0.54 -12.30 10.87
CA ASN B 50 0.91 -13.72 10.80
C ASN B 50 1.32 -14.30 12.15
N ASP B 51 2.19 -13.56 12.86
CA ASP B 51 2.62 -13.88 14.22
C ASP B 51 1.47 -14.17 15.20
N SER B 54 -0.37 -17.27 14.07
CA SER B 54 0.44 -18.45 14.42
C SER B 54 0.30 -18.83 15.87
N LYS B 55 0.36 -17.84 16.75
CA LYS B 55 0.19 -18.05 18.18
C LYS B 55 -1.21 -18.56 18.52
N VAL B 56 -2.23 -17.93 17.94
CA VAL B 56 -3.61 -18.33 18.19
C VAL B 56 -3.85 -19.78 17.80
N ARG B 57 -3.37 -20.15 16.62
CA ARG B 57 -3.53 -21.51 16.12
C ARG B 57 -2.72 -22.50 16.94
N ASN B 58 -1.43 -22.20 17.12
CA ASN B 58 -0.53 -23.07 17.89
C ASN B 58 -1.05 -23.33 19.29
N GLU B 59 -1.44 -22.27 20.00
CA GLU B 59 -1.98 -22.48 21.34
C GLU B 59 -3.33 -23.19 21.35
N THR B 60 -4.15 -22.96 20.33
CA THR B 60 -5.40 -23.74 20.20
C THR B 60 -5.14 -25.24 19.97
N LEU B 61 -4.20 -25.58 19.09
CA LEU B 61 -3.87 -26.97 18.77
C LEU B 61 -3.31 -27.72 19.99
N ASP B 62 -2.52 -27.02 20.79
CA ASP B 62 -2.06 -27.56 22.09
C ASP B 62 -3.24 -27.91 23.02
N ILE B 63 -4.19 -26.99 23.18
CA ILE B 63 -5.40 -27.27 23.98
C ILE B 63 -6.19 -28.48 23.43
N LEU B 64 -6.28 -28.61 22.11
CA LEU B 64 -7.07 -29.69 21.50
C LEU B 64 -6.39 -31.01 21.73
N LYS B 65 -5.06 -31.00 21.56
CA LYS B 65 -4.24 -32.14 21.86
C LYS B 65 -4.44 -32.62 23.30
N THR B 66 -4.33 -31.72 24.28
CA THR B 66 -4.37 -32.19 25.67
C THR B 66 -5.77 -32.61 26.14
N ASN B 67 -6.80 -32.05 25.51
CA ASN B 67 -8.17 -32.46 25.78
C ASN B 67 -8.62 -33.64 24.93
N LYS B 68 -7.71 -34.21 24.15
CA LYS B 68 -8.01 -35.41 23.35
C LYS B 68 -9.25 -35.21 22.43
N VAL B 69 -9.31 -34.04 21.80
CA VAL B 69 -10.39 -33.66 20.91
C VAL B 69 -10.38 -34.52 19.63
N ALA B 70 -11.56 -34.95 19.20
CA ALA B 70 -11.70 -35.68 17.96
C ALA B 70 -11.27 -34.75 16.85
N THR B 71 -10.61 -35.33 15.86
CA THR B 71 -10.01 -34.58 14.77
C THR B 71 -11.03 -33.93 13.85
N GLU B 72 -12.24 -34.53 13.82
CA GLU B 72 -13.38 -34.03 13.05
C GLU B 72 -13.98 -32.75 13.67
N ASP B 73 -13.62 -32.48 14.93
CA ASP B 73 -14.07 -31.26 15.65
C ASP B 73 -13.09 -30.10 15.57
N TYR B 74 -11.87 -30.35 15.11
CA TYR B 74 -10.84 -29.30 14.96
C TYR B 74 -11.34 -28.07 14.21
N ILE B 75 -12.02 -28.29 13.08
CA ILE B 75 -12.57 -27.17 12.32
C ILE B 75 -13.47 -26.27 13.21
N GLY B 76 -14.27 -26.87 14.08
CA GLY B 76 -15.13 -26.12 14.97
C GLY B 76 -14.39 -25.28 16.00
N TYR B 77 -13.37 -25.85 16.63
CA TYR B 77 -12.61 -25.16 17.68
C TYR B 77 -11.68 -24.09 17.12
N ILE B 78 -11.09 -24.36 15.94
CA ILE B 78 -10.18 -23.42 15.28
C ILE B 78 -10.99 -22.25 14.75
N ALA B 79 -12.19 -22.54 14.24
CA ALA B 79 -13.09 -21.48 13.76
C ALA B 79 -13.52 -20.58 14.91
N PHE B 80 -13.84 -21.18 16.06
CA PHE B 80 -14.15 -20.43 17.26
C PHE B 80 -12.98 -19.52 17.63
N ALA B 81 -11.78 -20.10 17.77
CA ALA B 81 -10.58 -19.36 18.18
C ALA B 81 -10.31 -18.15 17.28
N GLU B 82 -10.52 -18.33 15.97
CA GLU B 82 -10.29 -17.27 14.99
C GLU B 82 -11.37 -16.21 15.00
N GLU B 83 -12.62 -16.62 15.11
CA GLU B 83 -13.70 -15.65 15.26
C GLU B 83 -13.56 -14.86 16.57
N LEU B 84 -13.16 -15.53 17.65
CA LEU B 84 -12.90 -14.88 18.92
C LEU B 84 -11.75 -13.89 18.80
N ALA B 85 -10.60 -14.37 18.30
CA ALA B 85 -9.42 -13.53 18.07
C ALA B 85 -9.76 -12.23 17.34
N HIS B 86 -10.65 -12.35 16.35
CA HIS B 86 -11.05 -11.24 15.51
C HIS B 86 -11.97 -10.23 16.21
N GLN B 87 -12.94 -10.76 17.13
CA GLN B 87 -13.66 -9.76 17.90
C GLN B 87 -12.73 -9.09 18.92
N VAL B 88 -11.90 -9.88 19.51
CA VAL B 88 -10.97 -9.29 20.48
C VAL B 88 -10.10 -8.20 19.84
N TRP B 89 -9.73 -8.38 18.57
CA TRP B 89 -8.99 -7.39 17.83
C TRP B 89 -9.81 -6.09 17.64
N LYS B 90 -11.11 -6.23 17.32
CA LYS B 90 -11.99 -5.08 17.16
C LYS B 90 -12.17 -4.36 18.49
N ASN B 91 -12.41 -5.12 19.56
CA ASN B 91 -12.54 -4.57 20.92
C ASN B 91 -11.32 -3.76 21.35
N LYS B 92 -10.14 -4.33 21.14
CA LYS B 92 -8.88 -3.67 21.48
C LYS B 92 -8.73 -2.34 20.73
N ASN B 93 -9.08 -2.35 19.44
CA ASN B 93 -8.91 -1.17 18.61
C ASN B 93 -9.97 -0.09 18.75
N SER B 94 -11.23 -0.47 19.03
CA SER B 94 -12.30 0.51 19.08
C SER B 94 -13.27 0.49 20.30
N SER B 95 -13.11 -0.46 21.22
CA SER B 95 -13.93 -0.42 22.42
C SER B 95 -13.34 0.45 23.54
N PRO B 96 -14.17 1.35 24.10
CA PRO B 96 -13.77 2.15 25.28
C PRO B 96 -13.79 1.36 26.60
N ASP B 97 -14.28 0.12 26.54
CA ASP B 97 -14.31 -0.82 27.66
C ASP B 97 -14.01 -2.24 27.11
N PRO B 98 -12.78 -2.45 26.60
CA PRO B 98 -12.47 -3.72 25.95
C PRO B 98 -12.67 -4.96 26.83
N ASN B 99 -12.50 -4.85 28.14
CA ASN B 99 -12.73 -5.99 29.05
C ASN B 99 -14.17 -6.49 29.04
N THR B 100 -15.10 -5.55 29.07
CA THR B 100 -16.53 -5.83 28.97
C THR B 100 -16.90 -6.34 27.57
N ALA B 101 -16.36 -5.71 26.54
CA ALA B 101 -16.57 -6.17 25.18
C ALA B 101 -16.04 -7.59 24.96
N ASN B 102 -14.90 -7.92 25.56
CA ASN B 102 -14.28 -9.24 25.45
C ASN B 102 -15.12 -10.32 26.13
N GLU B 103 -15.62 -10.02 27.34
CA GLU B 103 -16.53 -10.93 28.04
C GLU B 103 -17.82 -11.17 27.28
N ALA B 104 -18.26 -10.17 26.51
CA ALA B 104 -19.49 -10.28 25.73
C ALA B 104 -19.24 -11.15 24.50
N SER B 105 -18.09 -10.96 23.86
CA SER B 105 -17.59 -11.87 22.83
C SER B 105 -17.56 -13.32 23.31
N LYS B 106 -17.06 -13.54 24.52
CA LYS B 106 -17.04 -14.89 25.10
C LYS B 106 -18.43 -15.53 25.14
N THR B 107 -19.36 -14.84 25.80
CA THR B 107 -20.74 -15.28 25.99
C THR B 107 -21.45 -15.60 24.67
N ASP B 108 -21.34 -14.66 23.72
CA ASP B 108 -21.95 -14.76 22.38
CA ASP B 108 -21.97 -14.79 22.41
C ASP B 108 -21.35 -15.91 21.57
N LEU B 109 -20.03 -16.00 21.59
CA LEU B 109 -19.34 -17.03 20.83
C LEU B 109 -19.39 -18.42 21.48
N GLU B 110 -19.33 -18.47 22.80
CA GLU B 110 -19.54 -19.75 23.45
C GLU B 110 -20.95 -20.31 23.22
N SER B 111 -21.98 -19.46 23.25
CA SER B 111 -23.35 -19.92 22.95
C SER B 111 -23.48 -20.44 21.54
N LYS B 112 -22.93 -19.70 20.59
CA LYS B 112 -23.02 -20.08 19.19
C LYS B 112 -22.32 -21.43 18.94
N TYR B 113 -21.09 -21.56 19.44
CA TYR B 113 -20.32 -22.75 19.16
C TYR B 113 -20.76 -23.99 19.95
N SER B 114 -21.30 -23.79 21.15
CA SER B 114 -21.98 -24.86 21.89
CA SER B 114 -21.98 -24.85 21.90
C SER B 114 -23.31 -25.27 21.23
N ASP B 115 -24.19 -24.29 21.01
CA ASP B 115 -25.56 -24.59 20.51
C ASP B 115 -25.64 -25.04 19.05
N VAL B 116 -24.87 -24.39 18.20
CA VAL B 116 -24.98 -24.56 16.77
C VAL B 116 -24.03 -25.67 16.32
N TYR B 117 -22.90 -25.81 17.02
CA TYR B 117 -21.85 -26.76 16.63
C TYR B 117 -21.50 -27.86 17.66
N GLY B 118 -22.20 -27.93 18.78
CA GLY B 118 -22.05 -29.03 19.77
C GLY B 118 -20.69 -29.06 20.47
N LEU B 119 -20.00 -27.93 20.51
CA LEU B 119 -18.67 -27.87 21.10
C LEU B 119 -18.71 -27.79 22.62
N ASP B 120 -17.63 -28.24 23.26
CA ASP B 120 -17.52 -28.33 24.72
C ASP B 120 -17.07 -26.97 25.29
N VAL B 121 -17.89 -26.39 26.18
CA VAL B 121 -17.66 -25.04 26.73
C VAL B 121 -16.37 -24.95 27.57
N THR B 122 -16.01 -26.07 28.17
CA THR B 122 -14.75 -26.23 28.92
C THR B 122 -13.54 -25.99 28.02
N VAL B 123 -13.57 -26.57 26.83
CA VAL B 123 -12.49 -26.40 25.89
C VAL B 123 -12.51 -24.95 25.33
N LEU B 124 -13.70 -24.45 25.02
CA LEU B 124 -13.91 -23.06 24.60
C LEU B 124 -13.37 -22.09 25.64
N ASP B 125 -13.60 -22.39 26.91
CA ASP B 125 -13.08 -21.59 28.02
C ASP B 125 -11.57 -21.52 27.99
N ALA B 126 -10.93 -22.65 27.72
CA ALA B 126 -9.48 -22.70 27.73
C ALA B 126 -8.89 -21.98 26.52
N ILE B 127 -9.53 -22.10 25.36
CA ILE B 127 -9.11 -21.35 24.17
C ILE B 127 -9.24 -19.84 24.41
N TYR B 128 -10.36 -19.42 25.01
CA TYR B 128 -10.56 -18.04 25.42
C TYR B 128 -9.40 -17.51 26.25
N ASN B 129 -9.00 -18.26 27.27
CA ASN B 129 -7.93 -17.83 28.15
C ASN B 129 -6.56 -17.75 27.45
N ALA B 130 -6.37 -18.52 26.39
CA ALA B 130 -5.13 -18.41 25.59
C ALA B 130 -5.14 -17.22 24.61
N VAL B 131 -6.30 -16.98 24.00
CA VAL B 131 -6.45 -15.99 22.92
C VAL B 131 -6.40 -14.53 23.41
N ILE B 132 -7.02 -14.24 24.55
CA ILE B 132 -7.04 -12.88 25.11
C ILE B 132 -5.64 -12.26 25.26
N PRO B 133 -4.70 -12.95 25.97
CA PRO B 133 -3.34 -12.39 26.10
C PRO B 133 -2.63 -12.11 24.77
N ILE B 134 -2.87 -12.96 23.76
CA ILE B 134 -2.20 -12.89 22.47
C ILE B 134 -2.58 -11.60 21.77
N ILE B 135 -3.87 -11.35 21.65
CA ILE B 135 -4.37 -10.17 20.94
C ILE B 135 -4.26 -8.90 21.78
N GLY B 137 -2.16 -8.29 24.24
CA GLY B 137 -0.75 -7.97 24.52
C GLY B 137 0.04 -7.63 23.26
N ASP C 14 27.25 36.43 -9.28
CA ASP C 14 25.77 36.48 -9.51
C ASP C 14 25.32 35.58 -10.68
N ARG C 15 26.07 35.64 -11.78
CA ARG C 15 25.92 34.71 -12.91
C ARG C 15 26.34 33.31 -12.44
N TYR C 16 27.03 33.30 -11.30
CA TYR C 16 27.51 32.12 -10.60
C TYR C 16 26.48 31.55 -9.60
N LYS C 17 25.32 32.20 -9.48
CA LYS C 17 24.31 31.75 -8.52
C LYS C 17 22.98 31.38 -9.23
N THR C 18 23.13 30.81 -10.41
CA THR C 18 22.03 30.20 -11.15
C THR C 18 21.37 29.06 -10.33
N LYS C 19 20.06 28.93 -10.49
CA LYS C 19 19.23 28.08 -9.63
C LYS C 19 18.47 27.05 -10.46
N LEU C 20 18.71 27.02 -11.75
CA LEU C 20 17.91 26.17 -12.62
C LEU C 20 17.95 24.67 -12.28
N TYR C 21 19.03 24.22 -11.63
CA TYR C 21 19.18 22.83 -11.17
C TYR C 21 18.10 22.40 -10.17
N LEU C 22 17.74 23.31 -9.26
CA LEU C 22 16.79 23.02 -8.20
C LEU C 22 15.37 22.70 -8.68
N TRP C 23 15.02 23.09 -9.90
CA TRP C 23 13.77 22.65 -10.57
C TRP C 23 13.63 21.13 -10.73
N ARG C 24 14.76 20.43 -10.78
CA ARG C 24 14.77 19.02 -11.13
C ARG C 24 14.29 18.11 -10.02
N ASN C 25 14.63 18.46 -8.77
CA ASN C 25 14.37 17.61 -7.63
C ASN C 25 13.36 18.23 -6.67
N LEU C 26 12.66 19.24 -7.16
CA LEU C 26 11.59 19.89 -6.42
C LEU C 26 10.48 18.91 -5.97
N GLY C 27 10.14 18.98 -4.68
CA GLY C 27 9.04 18.20 -4.14
C GLY C 27 7.74 18.88 -4.50
N GLY C 28 6.64 18.44 -3.91
CA GLY C 28 5.33 19.09 -4.11
C GLY C 28 4.18 18.16 -3.77
N LEU C 29 2.96 18.57 -4.15
CA LEU C 29 1.76 17.84 -3.80
C LEU C 29 1.59 16.56 -4.62
N ILE C 30 1.17 15.47 -3.97
CA ILE C 30 0.79 14.24 -4.64
C ILE C 30 -0.63 14.41 -5.17
N PRO C 31 -0.87 14.12 -6.47
CA PRO C 31 -2.25 14.20 -7.00
C PRO C 31 -3.13 13.19 -6.33
N GLU C 32 -4.32 13.64 -5.91
CA GLU C 32 -5.26 12.82 -5.16
C GLU C 32 -5.71 11.56 -5.90
N ASP C 33 -6.03 11.68 -7.18
CA ASP C 33 -6.48 10.51 -7.96
C ASP C 33 -5.40 9.44 -8.06
N ALA C 35 -2.98 8.83 -5.88
CA ALA C 35 -2.86 8.23 -4.55
C ALA C 35 -4.00 7.25 -4.32
N ILE C 36 -5.21 7.67 -4.72
CA ILE C 36 -6.43 6.85 -4.65
C ILE C 36 -6.32 5.58 -5.52
N SER C 37 -5.75 5.71 -6.73
CA SER C 37 -5.50 4.53 -7.57
C SER C 37 -4.60 3.51 -6.86
N VAL C 38 -3.64 3.98 -6.07
CA VAL C 38 -2.79 3.07 -5.31
C VAL C 38 -3.55 2.35 -4.19
N THR C 39 -4.29 3.09 -3.36
CA THR C 39 -5.15 2.42 -2.36
C THR C 39 -6.23 1.53 -2.97
N GLU C 40 -6.84 2.01 -4.07
CA GLU C 40 -7.73 1.16 -4.87
C GLU C 40 -7.09 -0.17 -5.35
N SER C 41 -5.87 -0.13 -5.92
CA SER C 41 -5.17 -1.38 -6.33
C SER C 41 -4.99 -2.40 -5.19
N ILE C 42 -4.57 -1.89 -4.03
CA ILE C 42 -4.38 -2.68 -2.83
C ILE C 42 -5.68 -3.34 -2.34
N THR C 43 -6.78 -2.60 -2.38
CA THR C 43 -8.10 -3.13 -2.06
C THR C 43 -8.49 -4.21 -3.07
N ALA C 44 -8.27 -3.96 -4.36
CA ALA C 44 -8.54 -4.96 -5.38
C ALA C 44 -7.74 -6.26 -5.13
N ASP C 45 -6.46 -6.12 -4.74
CA ASP C 45 -5.58 -7.24 -4.38
C ASP C 45 -6.15 -8.13 -3.30
N TRP C 46 -6.48 -7.56 -2.13
CA TRP C 46 -7.04 -8.42 -1.10
CA TRP C 46 -7.12 -8.29 -1.02
C TRP C 46 -8.44 -8.95 -1.42
N LYS C 47 -9.25 -8.21 -2.17
CA LYS C 47 -10.57 -8.71 -2.54
CA LYS C 47 -10.57 -8.69 -2.56
C LYS C 47 -10.46 -9.90 -3.49
N GLN C 48 -9.52 -9.84 -4.43
CA GLN C 48 -9.28 -10.93 -5.35
C GLN C 48 -8.70 -12.15 -4.61
N TYR C 49 -7.75 -11.89 -3.71
CA TYR C 49 -7.19 -12.90 -2.84
C TYR C 49 -8.29 -13.66 -2.09
N ASN C 50 -9.18 -12.94 -1.41
CA ASN C 50 -10.30 -13.55 -0.70
C ASN C 50 -11.27 -14.29 -1.62
N ASP C 51 -11.56 -13.70 -2.78
CA ASP C 51 -12.45 -14.30 -3.79
C ASP C 51 -11.92 -15.64 -4.30
N SER C 54 -11.99 -18.29 -1.53
CA SER C 54 -13.37 -18.78 -1.41
C SER C 54 -13.77 -19.76 -2.51
N LYS C 55 -13.48 -19.43 -3.76
CA LYS C 55 -13.83 -20.32 -4.89
C LYS C 55 -13.06 -21.63 -4.82
N VAL C 56 -11.78 -21.58 -4.51
CA VAL C 56 -11.00 -22.79 -4.26
C VAL C 56 -11.65 -23.69 -3.18
N ARG C 57 -12.06 -23.09 -2.07
CA ARG C 57 -12.65 -23.83 -0.98
C ARG C 57 -14.04 -24.37 -1.33
N ASN C 58 -14.87 -23.53 -1.94
CA ASN C 58 -16.22 -23.94 -2.33
C ASN C 58 -16.20 -25.14 -3.27
N GLU C 59 -15.41 -25.05 -4.32
CA GLU C 59 -15.27 -26.16 -5.26
C GLU C 59 -14.59 -27.43 -4.71
N THR C 60 -13.63 -27.26 -3.80
CA THR C 60 -13.00 -28.41 -3.13
C THR C 60 -14.01 -29.12 -2.23
N LEU C 61 -14.73 -28.34 -1.43
CA LEU C 61 -15.83 -28.86 -0.62
C LEU C 61 -16.91 -29.62 -1.39
N ASP C 62 -17.28 -29.12 -2.56
CA ASP C 62 -18.21 -29.85 -3.46
C ASP C 62 -17.64 -31.21 -3.88
N ILE C 63 -16.38 -31.20 -4.31
CA ILE C 63 -15.65 -32.43 -4.63
C ILE C 63 -15.63 -33.41 -3.44
N LEU C 64 -15.40 -32.90 -2.24
CA LEU C 64 -15.26 -33.76 -1.05
C LEU C 64 -16.58 -34.43 -0.72
N LYS C 65 -17.63 -33.64 -0.78
CA LYS C 65 -19.02 -34.07 -0.58
C LYS C 65 -19.42 -35.18 -1.58
N THR C 66 -19.21 -34.94 -2.89
CA THR C 66 -19.50 -35.94 -3.93
C THR C 66 -18.77 -37.27 -3.73
N ASN C 67 -17.53 -37.21 -3.26
CA ASN C 67 -16.73 -38.41 -3.10
C ASN C 67 -16.86 -39.04 -1.73
N LYS C 68 -17.78 -38.52 -0.92
CA LYS C 68 -18.07 -39.02 0.43
C LYS C 68 -16.78 -39.10 1.30
N VAL C 69 -15.94 -38.10 1.20
CA VAL C 69 -14.69 -38.06 1.93
C VAL C 69 -14.98 -38.01 3.44
N ALA C 70 -14.19 -38.76 4.22
CA ALA C 70 -14.24 -38.70 5.67
C ALA C 70 -13.87 -37.30 6.13
N THR C 71 -14.59 -36.79 7.13
CA THR C 71 -14.32 -35.43 7.60
C THR C 71 -12.95 -35.22 8.32
N GLU C 72 -12.33 -36.29 8.80
CA GLU C 72 -10.93 -36.22 9.32
C GLU C 72 -9.91 -35.90 8.22
N ASP C 73 -10.30 -36.08 6.96
CA ASP C 73 -9.42 -35.87 5.81
C ASP C 73 -9.54 -34.49 5.15
N TYR C 74 -10.48 -33.66 5.62
CA TYR C 74 -10.74 -32.33 5.03
C TYR C 74 -9.52 -31.43 5.15
N ILE C 75 -8.89 -31.42 6.31
CA ILE C 75 -7.66 -30.66 6.51
C ILE C 75 -6.66 -31.00 5.39
N GLY C 76 -6.51 -32.29 5.09
CA GLY C 76 -5.62 -32.76 4.04
C GLY C 76 -5.98 -32.20 2.68
N TYR C 77 -7.24 -32.38 2.28
CA TYR C 77 -7.65 -31.91 0.94
C TYR C 77 -7.69 -30.39 0.82
N ILE C 78 -8.11 -29.69 1.89
CA ILE C 78 -8.14 -28.23 1.90
C ILE C 78 -6.68 -27.71 1.86
N ALA C 79 -5.81 -28.28 2.70
CA ALA C 79 -4.39 -27.94 2.63
C ALA C 79 -3.77 -28.17 1.24
N PHE C 80 -4.07 -29.31 0.62
CA PHE C 80 -3.58 -29.57 -0.74
C PHE C 80 -4.06 -28.50 -1.72
N ALA C 81 -5.36 -28.18 -1.66
CA ALA C 81 -5.97 -27.24 -2.58
C ALA C 81 -5.36 -25.84 -2.46
N GLU C 82 -5.07 -25.44 -1.22
CA GLU C 82 -4.55 -24.12 -0.93
C GLU C 82 -3.08 -24.04 -1.30
N GLU C 83 -2.34 -25.08 -0.96
CA GLU C 83 -0.92 -25.18 -1.29
C GLU C 83 -0.74 -25.21 -2.81
N LEU C 84 -1.59 -25.96 -3.50
CA LEU C 84 -1.60 -25.95 -4.97
C LEU C 84 -1.98 -24.58 -5.55
N ALA C 85 -3.03 -23.97 -5.04
CA ALA C 85 -3.48 -22.66 -5.54
C ALA C 85 -2.35 -21.64 -5.42
N HIS C 86 -1.67 -21.66 -4.27
CA HIS C 86 -0.53 -20.79 -4.00
C HIS C 86 0.63 -21.01 -5.00
N GLN C 87 0.96 -22.40 -5.34
CA GLN C 87 2.02 -22.57 -6.38
C GLN C 87 1.56 -22.16 -7.78
N VAL C 88 0.29 -22.44 -8.09
CA VAL C 88 -0.28 -21.95 -9.35
C VAL C 88 -0.21 -20.40 -9.42
N TRP C 89 -0.53 -19.71 -8.32
CA TRP C 89 -0.32 -18.25 -8.26
C TRP C 89 1.13 -17.87 -8.59
N LYS C 90 2.10 -18.54 -7.97
CA LYS C 90 3.52 -18.29 -8.24
C LYS C 90 3.88 -18.59 -9.69
N ASN C 91 3.45 -19.73 -10.22
CA ASN C 91 3.72 -20.10 -11.61
C ASN C 91 3.16 -19.08 -12.60
N LYS C 92 1.96 -18.57 -12.32
CA LYS C 92 1.34 -17.55 -13.15
C LYS C 92 2.10 -16.21 -13.10
N ASN C 93 2.44 -15.81 -11.87
CA ASN C 93 3.07 -14.53 -11.61
C ASN C 93 4.51 -14.41 -12.17
N SER C 94 5.29 -15.50 -12.14
CA SER C 94 6.72 -15.43 -12.49
C SER C 94 7.29 -16.43 -13.51
N SER C 95 6.59 -17.54 -13.78
CA SER C 95 7.10 -18.50 -14.76
C SER C 95 6.95 -18.00 -16.21
N PRO C 96 7.95 -18.29 -17.08
CA PRO C 96 7.78 -18.01 -18.51
C PRO C 96 7.01 -19.12 -19.24
N ASP C 97 6.79 -20.25 -18.57
CA ASP C 97 5.85 -21.28 -19.02
C ASP C 97 5.03 -21.79 -17.84
N PRO C 98 3.95 -21.04 -17.48
CA PRO C 98 3.16 -21.33 -16.28
C PRO C 98 2.55 -22.72 -16.30
N ASN C 99 2.08 -23.13 -17.48
CA ASN C 99 1.46 -24.43 -17.69
C ASN C 99 2.33 -25.66 -17.37
N THR C 100 3.57 -25.65 -17.81
CA THR C 100 4.50 -26.74 -17.50
C THR C 100 4.77 -26.78 -15.99
N ALA C 101 5.09 -25.61 -15.42
CA ALA C 101 5.24 -25.43 -13.97
C ALA C 101 4.03 -25.92 -13.14
N ASN C 102 2.81 -25.69 -13.65
CA ASN C 102 1.60 -26.17 -12.99
C ASN C 102 1.53 -27.70 -12.89
N GLU C 103 1.94 -28.37 -13.95
CA GLU C 103 1.99 -29.83 -14.04
C GLU C 103 3.06 -30.38 -13.12
N ALA C 104 4.18 -29.69 -13.04
CA ALA C 104 5.24 -30.00 -12.09
C ALA C 104 4.76 -29.85 -10.65
N SER C 105 4.03 -28.77 -10.37
CA SER C 105 3.42 -28.54 -9.05
C SER C 105 2.47 -29.68 -8.68
N LYS C 106 1.60 -30.03 -9.62
CA LYS C 106 0.69 -31.16 -9.49
C LYS C 106 1.42 -32.46 -9.12
N THR C 107 2.43 -32.82 -9.91
CA THR C 107 3.19 -34.03 -9.64
C THR C 107 3.81 -34.04 -8.24
N ASP C 108 4.44 -32.94 -7.84
CA ASP C 108 5.06 -32.86 -6.52
C ASP C 108 4.04 -32.96 -5.37
N LEU C 109 2.98 -32.17 -5.46
CA LEU C 109 2.01 -32.07 -4.38
C LEU C 109 1.10 -33.28 -4.28
N GLU C 110 0.77 -33.90 -5.42
CA GLU C 110 0.04 -35.18 -5.40
C GLU C 110 0.86 -36.30 -4.76
N SER C 111 2.15 -36.28 -5.03
CA SER C 111 3.10 -37.17 -4.40
C SER C 111 3.17 -36.95 -2.89
N LYS C 112 3.35 -35.70 -2.46
CA LYS C 112 3.26 -35.33 -1.05
C LYS C 112 1.97 -35.77 -0.35
N TYR C 113 0.81 -35.43 -0.92
CA TYR C 113 -0.45 -35.65 -0.24
C TYR C 113 -0.98 -37.07 -0.29
N SER C 114 -0.64 -37.83 -1.33
CA SER C 114 -0.99 -39.26 -1.34
C SER C 114 -0.01 -40.11 -0.53
N ASP C 115 1.30 -39.88 -0.70
CA ASP C 115 2.31 -40.67 -0.01
C ASP C 115 2.49 -40.34 1.47
N VAL C 116 2.39 -39.07 1.82
CA VAL C 116 2.66 -38.66 3.19
C VAL C 116 1.34 -38.58 3.96
N TYR C 117 0.32 -38.04 3.31
CA TYR C 117 -0.95 -37.77 3.99
C TYR C 117 -2.06 -38.78 3.69
N GLY C 118 -1.77 -39.72 2.79
CA GLY C 118 -2.65 -40.88 2.56
C GLY C 118 -3.89 -40.56 1.76
N LEU C 119 -3.82 -39.54 0.92
CA LEU C 119 -5.00 -38.99 0.25
C LEU C 119 -5.19 -39.61 -1.13
N ASP C 120 -6.43 -39.58 -1.62
CA ASP C 120 -6.83 -40.24 -2.85
C ASP C 120 -6.43 -39.38 -4.03
N VAL C 121 -5.59 -39.95 -4.89
CA VAL C 121 -5.10 -39.27 -6.09
C VAL C 121 -6.22 -38.90 -7.06
N THR C 122 -7.27 -39.71 -7.14
CA THR C 122 -8.39 -39.38 -8.00
C THR C 122 -9.09 -38.12 -7.51
N VAL C 123 -9.24 -38.00 -6.18
CA VAL C 123 -9.84 -36.82 -5.56
C VAL C 123 -8.90 -35.60 -5.71
N LEU C 124 -7.59 -35.81 -5.60
CA LEU C 124 -6.61 -34.74 -5.83
C LEU C 124 -6.63 -34.17 -7.25
N ASP C 125 -6.68 -35.07 -8.25
CA ASP C 125 -6.81 -34.72 -9.67
C ASP C 125 -8.05 -33.88 -9.91
N ALA C 126 -9.16 -34.28 -9.33
CA ALA C 126 -10.39 -33.48 -9.42
C ALA C 126 -10.22 -32.07 -8.82
N ILE C 127 -9.53 -31.98 -7.69
CA ILE C 127 -9.22 -30.68 -7.05
C ILE C 127 -8.34 -29.85 -7.98
N TYR C 128 -7.27 -30.47 -8.51
CA TYR C 128 -6.42 -29.82 -9.51
C TYR C 128 -7.19 -29.19 -10.69
N ASN C 129 -8.12 -29.94 -11.29
CA ASN C 129 -8.90 -29.42 -12.42
C ASN C 129 -9.79 -28.23 -12.08
N ALA C 130 -10.24 -28.14 -10.83
CA ALA C 130 -11.05 -27.01 -10.39
C ALA C 130 -10.18 -25.80 -10.05
N VAL C 131 -9.05 -26.03 -9.38
CA VAL C 131 -8.16 -24.96 -8.95
C VAL C 131 -7.52 -24.18 -10.11
N ILE C 132 -7.04 -24.90 -11.13
CA ILE C 132 -6.37 -24.29 -12.27
C ILE C 132 -7.15 -23.09 -12.89
N PRO C 133 -8.39 -23.32 -13.38
CA PRO C 133 -9.16 -22.21 -13.96
C PRO C 133 -9.45 -21.05 -13.01
N ILE C 134 -9.55 -21.31 -11.70
CA ILE C 134 -9.83 -20.24 -10.75
C ILE C 134 -8.64 -19.28 -10.72
N ILE C 135 -7.44 -19.82 -10.52
CA ILE C 135 -6.22 -19.01 -10.33
C ILE C 135 -5.72 -18.43 -11.65
N GLY C 137 -7.40 -17.48 -14.17
CA GLY C 137 -8.33 -16.46 -14.70
C GLY C 137 -8.79 -15.43 -13.69
N TYR D 16 -24.39 -34.92 17.66
CA TYR D 16 -23.45 -34.51 16.63
C TYR D 16 -24.01 -33.38 15.78
N LYS D 17 -23.22 -32.33 15.59
CA LYS D 17 -23.63 -31.18 14.81
C LYS D 17 -22.66 -30.90 13.67
N THR D 18 -23.14 -31.00 12.44
CA THR D 18 -22.30 -30.77 11.27
C THR D 18 -21.54 -29.45 11.40
N LYS D 19 -20.28 -29.45 10.92
CA LYS D 19 -19.39 -28.31 11.10
C LYS D 19 -18.76 -27.85 9.80
N LEU D 20 -19.05 -28.53 8.71
CA LEU D 20 -18.35 -28.33 7.44
C LEU D 20 -18.50 -26.93 6.83
N TYR D 21 -19.60 -26.24 7.15
CA TYR D 21 -19.78 -24.83 6.77
C TYR D 21 -18.59 -23.97 7.18
N LEU D 22 -18.05 -24.24 8.37
CA LEU D 22 -16.96 -23.45 8.96
C LEU D 22 -15.63 -23.45 8.15
N TRP D 23 -15.52 -24.40 7.21
CA TRP D 23 -14.37 -24.51 6.30
C TRP D 23 -14.30 -23.33 5.37
N ARG D 24 -15.47 -22.83 4.99
CA ARG D 24 -15.58 -21.81 3.94
C ARG D 24 -14.95 -20.47 4.29
N ASN D 25 -15.14 -20.01 5.52
CA ASN D 25 -14.74 -18.66 5.90
C ASN D 25 -13.63 -18.60 6.93
N LEU D 26 -12.85 -19.69 6.99
CA LEU D 26 -11.76 -19.80 7.92
C LEU D 26 -10.61 -18.84 7.54
N GLY D 27 -10.14 -18.07 8.51
CA GLY D 27 -8.95 -17.23 8.33
C GLY D 27 -7.70 -18.08 8.24
N GLY D 28 -6.53 -17.47 8.25
CA GLY D 28 -5.28 -18.23 8.23
C GLY D 28 -4.09 -17.37 7.92
N LEU D 29 -2.96 -18.02 7.61
CA LEU D 29 -1.73 -17.30 7.34
C LEU D 29 -1.77 -16.65 5.96
N ILE D 30 -1.27 -15.41 5.88
CA ILE D 30 -1.02 -14.78 4.58
C ILE D 30 0.31 -15.31 4.04
N PRO D 31 0.32 -15.84 2.79
CA PRO D 31 1.60 -16.26 2.18
C PRO D 31 2.57 -15.09 2.01
N GLU D 32 3.83 -15.29 2.43
CA GLU D 32 4.80 -14.21 2.48
C GLU D 32 5.05 -13.63 1.09
N ASP D 33 5.23 -14.50 0.10
CA ASP D 33 5.51 -14.01 -1.24
C ASP D 33 4.37 -13.16 -1.81
N ALA D 35 2.26 -11.35 0.02
CA ALA D 35 2.40 -10.10 0.78
C ALA D 35 3.50 -9.20 0.18
N ILE D 36 4.68 -9.77 -0.02
CA ILE D 36 5.82 -9.02 -0.56
C ILE D 36 5.51 -8.49 -1.94
N SER D 37 4.85 -9.31 -2.75
CA SER D 37 4.36 -8.90 -4.04
C SER D 37 3.52 -7.59 -4.02
N VAL D 38 2.66 -7.42 -3.02
CA VAL D 38 1.89 -6.19 -2.85
C VAL D 38 2.79 -4.99 -2.50
N THR D 39 3.64 -5.13 -1.47
CA THR D 39 4.57 -4.05 -1.12
C THR D 39 5.54 -3.71 -2.26
N GLU D 40 6.01 -4.72 -3.02
CA GLU D 40 6.86 -4.49 -4.21
CA GLU D 40 6.86 -4.45 -4.18
C GLU D 40 6.13 -3.61 -5.27
N SER D 41 4.85 -3.90 -5.53
CA SER D 41 4.06 -3.10 -6.50
C SER D 41 3.86 -1.65 -6.07
N ILE D 42 3.72 -1.42 -4.77
CA ILE D 42 3.60 -0.07 -4.20
C ILE D 42 4.92 0.69 -4.35
N THR D 43 6.04 0.01 -4.10
CA THR D 43 7.38 0.57 -4.29
C THR D 43 7.60 0.92 -5.75
N ALA D 44 7.18 0.01 -6.64
CA ALA D 44 7.24 0.24 -8.07
C ALA D 44 6.42 1.45 -8.54
N ASP D 45 5.21 1.62 -7.98
CA ASP D 45 4.32 2.77 -8.29
C ASP D 45 5.00 4.12 -7.99
N TRP D 46 5.53 4.27 -6.78
CA TRP D 46 6.16 5.52 -6.44
CA TRP D 46 6.24 5.46 -6.33
C TRP D 46 7.49 5.73 -7.17
N LYS D 47 8.21 4.65 -7.47
CA LYS D 47 9.43 4.73 -8.26
C LYS D 47 9.13 5.20 -9.67
N GLN D 48 8.06 4.67 -10.28
CA GLN D 48 7.68 5.05 -11.64
C GLN D 48 7.15 6.48 -11.68
N TYR D 49 6.41 6.85 -10.63
CA TYR D 49 5.88 8.20 -10.45
C TYR D 49 7.02 9.24 -10.41
N ASN D 50 8.00 9.00 -9.57
CA ASN D 50 9.20 9.85 -9.53
C ASN D 50 9.97 9.89 -10.84
N ASP D 51 10.20 8.73 -11.44
CA ASP D 51 10.93 8.63 -12.70
CA ASP D 51 10.93 8.63 -12.70
C ASP D 51 10.26 9.44 -13.82
N SER D 54 10.62 13.23 -13.02
CA SER D 54 11.94 13.71 -13.36
CA SER D 54 11.96 13.67 -13.36
C SER D 54 12.21 13.76 -14.88
N LYS D 55 11.72 12.76 -15.62
CA LYS D 55 11.84 12.76 -17.08
C LYS D 55 11.05 13.91 -17.72
N VAL D 56 9.82 14.14 -17.23
CA VAL D 56 9.00 15.25 -17.70
C VAL D 56 9.69 16.62 -17.47
N ARG D 57 10.24 16.83 -16.29
CA ARG D 57 10.96 18.07 -15.98
C ARG D 57 12.22 18.25 -16.82
N ASN D 58 12.99 17.17 -16.95
CA ASN D 58 14.24 17.15 -17.71
C ASN D 58 14.04 17.51 -19.18
N GLU D 59 13.03 16.91 -19.81
CA GLU D 59 12.67 17.24 -21.19
C GLU D 59 12.24 18.70 -21.34
N THR D 60 11.42 19.16 -20.38
CA THR D 60 10.93 20.51 -20.38
C THR D 60 12.04 21.53 -20.20
N LEU D 61 12.95 21.30 -19.25
CA LEU D 61 14.09 22.18 -18.99
C LEU D 61 14.99 22.34 -20.20
N ASP D 62 15.13 21.25 -20.96
CA ASP D 62 15.90 21.21 -22.20
C ASP D 62 15.22 22.10 -23.23
N ILE D 63 13.90 21.99 -23.33
CA ILE D 63 13.11 22.81 -24.25
C ILE D 63 13.17 24.31 -23.88
N LEU D 64 13.11 24.62 -22.58
CA LEU D 64 13.21 26.01 -22.12
C LEU D 64 14.58 26.63 -22.38
N LYS D 65 15.63 25.83 -22.22
CA LYS D 65 17.01 26.27 -22.42
C LYS D 65 17.24 26.53 -23.89
N THR D 66 16.78 25.60 -24.73
CA THR D 66 16.84 25.77 -26.16
C THR D 66 16.15 27.06 -26.64
N ASN D 67 14.98 27.36 -26.06
CA ASN D 67 14.16 28.48 -26.49
C ASN D 67 14.47 29.82 -25.80
N LYS D 68 15.53 29.85 -25.00
CA LYS D 68 15.96 31.05 -24.28
C LYS D 68 14.83 31.67 -23.45
N VAL D 69 14.03 30.81 -22.84
CA VAL D 69 12.89 31.21 -22.04
C VAL D 69 13.42 31.95 -20.81
N ALA D 70 12.79 33.09 -20.49
CA ALA D 70 13.10 33.87 -19.28
C ALA D 70 12.87 32.99 -18.03
N THR D 71 13.69 33.17 -17.00
CA THR D 71 13.62 32.30 -15.80
C THR D 71 12.37 32.54 -14.94
N GLU D 72 11.80 33.72 -15.17
CA GLU D 72 10.55 34.16 -14.54
CA GLU D 72 10.56 34.14 -14.50
C GLU D 72 9.37 33.31 -15.02
N ASP D 73 9.53 32.71 -16.20
CA ASP D 73 8.49 31.90 -16.86
C ASP D 73 8.56 30.38 -16.63
N TYR D 74 9.63 29.92 -15.97
CA TYR D 74 9.86 28.50 -15.72
C TYR D 74 8.70 27.85 -14.94
N ILE D 75 8.21 28.53 -13.91
CA ILE D 75 7.02 28.08 -13.18
C ILE D 75 5.81 27.85 -14.08
N GLY D 76 5.53 28.77 -14.99
CA GLY D 76 4.48 28.58 -15.98
C GLY D 76 4.64 27.32 -16.83
N TYR D 77 5.82 27.09 -17.41
CA TYR D 77 6.02 25.93 -18.31
C TYR D 77 6.09 24.60 -17.56
N ILE D 78 6.60 24.66 -16.33
CA ILE D 78 6.75 23.47 -15.50
C ILE D 78 5.38 23.08 -14.96
N ALA D 79 4.59 24.10 -14.62
CA ALA D 79 3.22 23.89 -14.19
C ALA D 79 2.42 23.24 -15.32
N PHE D 80 2.63 23.73 -16.54
CA PHE D 80 1.94 23.21 -17.73
C PHE D 80 2.32 21.76 -17.97
N ALA D 81 3.62 21.49 -17.92
CA ALA D 81 4.18 20.15 -18.22
C ALA D 81 3.62 19.11 -17.26
N GLU D 82 3.55 19.49 -15.98
CA GLU D 82 3.05 18.61 -14.93
C GLU D 82 1.53 18.39 -14.96
N GLU D 83 0.77 19.47 -15.17
CA GLU D 83 -0.68 19.38 -15.27
C GLU D 83 -1.07 18.53 -16.50
N LEU D 84 -0.31 18.72 -17.58
CA LEU D 84 -0.53 17.96 -18.80
C LEU D 84 -0.21 16.49 -18.58
N ALA D 85 0.96 16.21 -18.01
CA ALA D 85 1.34 14.85 -17.66
C ALA D 85 0.26 14.21 -16.78
N HIS D 86 -0.26 14.96 -15.82
CA HIS D 86 -1.29 14.42 -14.93
C HIS D 86 -2.54 14.01 -15.70
N GLN D 87 -2.95 14.83 -16.65
CA GLN D 87 -4.14 14.59 -17.46
C GLN D 87 -3.96 13.47 -18.46
N VAL D 88 -2.77 13.40 -19.05
CA VAL D 88 -2.36 12.24 -19.88
C VAL D 88 -2.34 10.93 -19.06
N TRP D 89 -1.91 11.00 -17.80
CA TRP D 89 -1.93 9.83 -16.93
C TRP D 89 -3.38 9.34 -16.76
N LYS D 90 -4.29 10.28 -16.46
CA LYS D 90 -5.75 10.01 -16.34
C LYS D 90 -6.40 9.44 -17.61
N ASN D 91 -6.04 9.98 -18.77
CA ASN D 91 -6.52 9.48 -20.05
C ASN D 91 -6.09 8.05 -20.32
N LYS D 92 -4.88 7.71 -19.93
CA LYS D 92 -4.32 6.37 -20.12
C LYS D 92 -5.01 5.34 -19.22
N ASN D 93 -5.31 5.75 -18.00
CA ASN D 93 -5.84 4.91 -16.92
CA ASN D 93 -5.84 4.81 -17.04
C ASN D 93 -7.34 4.59 -17.11
N SER D 94 -8.09 5.63 -17.49
CA SER D 94 -9.57 5.57 -17.53
C SER D 94 -10.18 5.73 -18.92
N SER D 95 -9.56 6.51 -19.79
CA SER D 95 -10.17 6.79 -21.10
C SER D 95 -10.16 5.55 -21.99
N PRO D 96 -11.32 5.23 -22.60
CA PRO D 96 -11.42 4.12 -23.56
C PRO D 96 -10.74 4.48 -24.88
N ASP D 97 -10.41 5.77 -25.03
CA ASP D 97 -9.76 6.31 -26.20
C ASP D 97 -8.87 7.43 -25.68
N PRO D 98 -7.68 7.04 -25.16
CA PRO D 98 -6.73 7.98 -24.57
C PRO D 98 -6.19 9.03 -25.53
N ASN D 99 -5.97 8.67 -26.79
CA ASN D 99 -5.37 9.61 -27.73
C ASN D 99 -6.26 10.81 -28.07
N THR D 100 -7.56 10.56 -28.24
CA THR D 100 -8.52 11.63 -28.44
C THR D 100 -8.56 12.56 -27.21
N ALA D 101 -8.57 11.97 -26.01
CA ALA D 101 -8.55 12.72 -24.74
C ALA D 101 -7.27 13.53 -24.51
N ASN D 102 -6.15 13.05 -25.06
CA ASN D 102 -4.88 13.74 -24.95
C ASN D 102 -4.87 15.04 -25.74
N GLU D 103 -5.47 14.98 -26.93
CA GLU D 103 -5.64 16.13 -27.83
C GLU D 103 -6.61 17.16 -27.24
N ALA D 104 -7.62 16.67 -26.53
CA ALA D 104 -8.56 17.53 -25.82
C ALA D 104 -7.86 18.24 -24.65
N SER D 105 -7.03 17.51 -23.93
CA SER D 105 -6.19 18.03 -22.86
C SER D 105 -5.22 19.09 -23.39
N LYS D 106 -4.62 18.78 -24.54
CA LYS D 106 -3.72 19.68 -25.24
C LYS D 106 -4.40 20.99 -25.55
N THR D 107 -5.57 20.90 -26.15
CA THR D 107 -6.32 22.07 -26.53
C THR D 107 -6.66 22.91 -25.30
N ASP D 108 -7.23 22.26 -24.29
CA ASP D 108 -7.63 22.96 -23.08
C ASP D 108 -6.46 23.64 -22.36
N LEU D 109 -5.42 22.86 -22.06
CA LEU D 109 -4.30 23.36 -21.29
C LEU D 109 -3.47 24.38 -22.07
N GLU D 110 -3.36 24.17 -23.38
CA GLU D 110 -2.69 25.17 -24.21
C GLU D 110 -3.39 26.53 -24.28
N SER D 111 -4.73 26.54 -24.25
CA SER D 111 -5.42 27.80 -24.20
C SER D 111 -5.36 28.45 -22.81
N LYS D 112 -5.34 27.64 -21.77
CA LYS D 112 -5.09 28.12 -20.40
C LYS D 112 -3.71 28.78 -20.28
N TYR D 113 -2.68 28.06 -20.66
CA TYR D 113 -1.33 28.56 -20.42
C TYR D 113 -0.90 29.70 -21.34
N SER D 114 -1.43 29.75 -22.56
CA SER D 114 -1.21 30.91 -23.43
C SER D 114 -2.09 32.11 -23.06
N ASP D 115 -3.40 31.89 -22.92
CA ASP D 115 -4.33 33.01 -22.70
C ASP D 115 -4.31 33.57 -21.30
N VAL D 116 -4.19 32.69 -20.31
CA VAL D 116 -4.22 33.13 -18.92
C VAL D 116 -2.82 33.52 -18.44
N TYR D 117 -1.83 32.72 -18.82
CA TYR D 117 -0.47 32.85 -18.31
C TYR D 117 0.53 33.43 -19.33
N GLY D 118 0.03 33.76 -20.53
CA GLY D 118 0.78 34.51 -21.53
C GLY D 118 1.94 33.74 -22.15
N LEU D 119 1.89 32.43 -21.99
CA LEU D 119 2.96 31.55 -22.46
C LEU D 119 2.94 31.29 -23.98
N ASP D 120 4.07 30.84 -24.49
CA ASP D 120 4.28 30.69 -25.92
C ASP D 120 3.78 29.32 -26.43
N VAL D 121 2.80 29.34 -27.35
CA VAL D 121 2.17 28.10 -27.86
C VAL D 121 3.18 27.16 -28.55
N THR D 122 4.19 27.72 -29.20
CA THR D 122 5.14 26.86 -29.91
C THR D 122 6.03 26.05 -28.94
N VAL D 123 6.36 26.67 -27.81
CA VAL D 123 7.03 26.01 -26.72
C VAL D 123 6.15 24.98 -26.02
N LEU D 124 4.86 25.28 -25.84
CA LEU D 124 3.95 24.32 -25.21
C LEU D 124 3.70 23.07 -26.07
N ASP D 125 3.64 23.25 -27.40
CA ASP D 125 3.57 22.14 -28.38
C ASP D 125 4.76 21.20 -28.23
N ALA D 126 5.96 21.78 -28.18
CA ALA D 126 7.19 21.00 -28.03
C ALA D 126 7.17 20.20 -26.72
N ILE D 127 6.76 20.84 -25.63
CA ILE D 127 6.55 20.17 -24.34
C ILE D 127 5.52 19.04 -24.49
N TYR D 128 4.38 19.34 -25.13
CA TYR D 128 3.36 18.32 -25.39
C TYR D 128 3.96 17.10 -26.11
N ASN D 129 4.71 17.36 -27.19
CA ASN D 129 5.39 16.30 -27.94
C ASN D 129 6.38 15.48 -27.10
N ALA D 130 7.08 16.13 -26.17
CA ALA D 130 7.98 15.46 -25.23
C ALA D 130 7.27 14.63 -24.14
N VAL D 131 6.22 15.18 -23.53
CA VAL D 131 5.50 14.54 -22.42
C VAL D 131 4.68 13.29 -22.79
N ILE D 132 4.01 13.30 -23.93
CA ILE D 132 3.11 12.19 -24.31
C ILE D 132 3.79 10.80 -24.29
N PRO D 133 4.93 10.64 -25.01
CA PRO D 133 5.66 9.38 -25.00
C PRO D 133 6.11 8.93 -23.61
N ILE D 134 6.50 9.86 -22.74
CA ILE D 134 6.93 9.54 -21.38
C ILE D 134 5.81 8.84 -20.60
N ILE D 135 4.63 9.49 -20.56
CA ILE D 135 3.50 8.99 -19.78
C ILE D 135 2.88 7.77 -20.45
N GLY D 137 4.21 5.49 -22.47
CA GLY D 137 5.06 4.30 -22.52
C GLY D 137 5.66 3.93 -21.17
#